data_5JMF
#
_entry.id   5JMF
#
_cell.length_a   186.690
_cell.length_b   45.741
_cell.length_c   80.514
_cell.angle_alpha   90.00
_cell.angle_beta   94.05
_cell.angle_gamma   90.00
#
_symmetry.space_group_name_H-M   'C 1 2 1'
#
loop_
_entity.id
_entity.type
_entity.pdbx_description
1 polymer 'Heparinase III protein'
2 non-polymer GLYCEROL
3 non-polymer 2-AMINO-2-HYDROXYMETHYL-PROPANE-1,3-DIOL
4 non-polymer 'MAGNESIUM ION'
5 water water
#
_entity_poly.entity_id   1
_entity_poly.type   'polypeptide(L)'
_entity_poly.pdbx_seq_one_letter_code
;SDSENLYFQGSQEL(MLY)SEVFSLLNLDYPGLEKV(MLY)ALHQEGKDEDAA(MLY)ALLDYYRARTNVKTPDINLKKI
TIGKEEQQWADDGLKHTFFVHKGYQPSYNYGEDINWQYWPVKDNELRWQLHRHKWFTPMG(MLY)AYRVSGDEKYAKEWA
YQYIDWIKKNPLVKMDKKEYELVSDGKIKGEVENVRFAWRPLEVSNRLQDQTTQFQLFLPSPSFTPDFLTEFLVNYHKHA
VHILANYSDQGNHLLFEAQRMIYAGAFFPEF(MLY)EAPAWR(MLY)SGIDILNREVNVQVYNDGGQFELDPHYHLAAIN
IFC(MLY)ALGIADVNGFRNEFPQEYLDTIE(MLY)MIMFYANISFPDYTNPCFSDAKITE(MLY)KEMLKNYRAWSKLF
P(MLY)NETI(MLY)YLATDG(MLY)EGALPDYMS(MLY)GFLKSGFFVFRNSWGMDATQMVVKAGPKGFWHCQPDNGTF
EMWFNGKNLFPDSGSYVYAGEGEVMEQRNWHRQTSVHNTVTLDN(MLY)NLETTESVT(MLY)LWQPEGNIQTLVTENPS
YKNFKHRRSVFFVDNTYFVIVDEVSGSA(MLY)GSVNLHYQMPKGEIANSREDMTFLTQFEDGSNM(MLY)LQCFGPEGM
SMK(MLY)EPGWCSTAYRKRYKRMNVSFNV(MLY)KDNENAVRYITVIYPV(MLY)(MLY)SADAP(MLY)FDAKFKNKT
FDENGLEIEV(MLY)VNG(MLY)KQSL(MLY)YKL
;
_entity_poly.pdbx_strand_id   A
#
# COMPACT_ATOMS: atom_id res chain seq x y z
N GLY A 10 -42.97 9.64 0.57
CA GLY A 10 -41.87 9.92 -0.34
C GLY A 10 -42.19 9.56 -1.78
N SER A 11 -41.20 9.69 -2.66
CA SER A 11 -41.35 9.39 -4.08
C SER A 11 -41.03 7.94 -4.41
N GLN A 12 -40.72 7.12 -3.41
CA GLN A 12 -40.48 5.71 -3.64
C GLN A 12 -41.80 5.00 -3.97
N GLU A 13 -41.70 3.98 -4.82
CA GLU A 13 -42.84 3.18 -5.25
C GLU A 13 -42.49 1.71 -5.14
N LEU A 14 -43.54 0.87 -5.09
CA LEU A 14 -43.31 -0.56 -4.99
C LEU A 14 -42.73 -1.08 -6.29
N SER A 16 -42.10 -4.06 -7.82
CA SER A 16 -42.41 -5.48 -7.63
C SER A 16 -41.44 -6.40 -8.39
N GLU A 17 -40.68 -5.85 -9.34
CA GLU A 17 -39.66 -6.67 -9.97
C GLU A 17 -38.52 -7.06 -9.02
N VAL A 18 -38.44 -6.47 -7.82
CA VAL A 18 -37.43 -6.89 -6.86
C VAL A 18 -37.55 -8.39 -6.54
N PHE A 19 -38.78 -8.91 -6.46
CA PHE A 19 -38.94 -10.28 -5.97
C PHE A 19 -38.32 -11.28 -6.93
N SER A 20 -38.37 -11.01 -8.24
CA SER A 20 -37.73 -11.89 -9.22
C SER A 20 -36.20 -11.87 -9.13
N LEU A 21 -35.63 -10.84 -8.50
CA LEU A 21 -34.17 -10.79 -8.31
C LEU A 21 -33.71 -11.63 -7.14
N LEU A 22 -34.62 -11.97 -6.24
CA LEU A 22 -34.28 -12.56 -4.96
C LEU A 22 -34.44 -14.07 -5.06
N ASN A 23 -33.58 -14.78 -4.32
CA ASN A 23 -33.75 -16.21 -4.06
C ASN A 23 -34.78 -16.32 -2.95
N LEU A 24 -36.04 -16.51 -3.33
CA LEU A 24 -37.11 -16.48 -2.33
C LEU A 24 -37.13 -17.74 -1.45
N ASP A 25 -36.34 -18.76 -1.77
CA ASP A 25 -36.13 -19.91 -0.88
C ASP A 25 -35.07 -19.67 0.19
N TYR A 26 -34.45 -18.49 0.22
CA TYR A 26 -33.44 -18.22 1.24
C TYR A 26 -34.07 -18.32 2.62
N PRO A 27 -33.43 -19.00 3.58
CA PRO A 27 -34.03 -19.12 4.92
C PRO A 27 -34.32 -17.77 5.54
N GLY A 28 -35.56 -17.63 6.06
CA GLY A 28 -36.04 -16.39 6.58
C GLY A 28 -36.96 -15.64 5.64
N LEU A 29 -36.97 -16.00 4.35
CA LEU A 29 -37.83 -15.33 3.38
C LEU A 29 -39.14 -16.08 3.14
N GLU A 30 -39.54 -16.98 4.05
CA GLU A 30 -40.71 -17.84 3.78
C GLU A 30 -42.01 -17.04 3.65
N LYS A 31 -42.24 -16.07 4.53
CA LYS A 31 -43.45 -15.25 4.39
C LYS A 31 -43.37 -14.34 3.17
N VAL A 32 -42.18 -13.82 2.83
CA VAL A 32 -42.06 -13.05 1.59
C VAL A 32 -42.49 -13.91 0.41
N ALA A 34 -44.37 -16.61 0.27
CA ALA A 34 -45.79 -16.98 0.30
C ALA A 34 -46.66 -15.82 -0.15
N LEU A 35 -46.32 -14.62 0.33
CA LEU A 35 -47.15 -13.47 0.00
C LEU A 35 -46.98 -13.11 -1.46
N HIS A 36 -45.73 -13.14 -1.95
CA HIS A 36 -45.46 -12.85 -3.35
C HIS A 36 -46.15 -13.85 -4.26
N GLN A 37 -46.16 -15.14 -3.90
CA GLN A 37 -46.86 -16.13 -4.75
C GLN A 37 -48.36 -15.84 -4.85
N GLU A 38 -48.94 -15.23 -3.82
CA GLU A 38 -50.35 -14.89 -3.80
C GLU A 38 -50.63 -13.54 -4.40
N GLY A 39 -49.61 -12.84 -4.89
CA GLY A 39 -49.82 -11.54 -5.48
C GLY A 39 -49.99 -10.44 -4.47
N LYS A 40 -49.61 -10.67 -3.22
CA LYS A 40 -49.72 -9.66 -2.17
C LYS A 40 -48.36 -8.97 -2.02
N ASP A 41 -48.00 -8.18 -3.04
CA ASP A 41 -46.62 -7.69 -3.09
C ASP A 41 -46.37 -6.57 -2.11
N GLU A 42 -47.41 -5.82 -1.74
CA GLU A 42 -47.26 -4.83 -0.67
C GLU A 42 -46.96 -5.52 0.65
N ASP A 43 -47.73 -6.56 0.99
CA ASP A 43 -47.42 -7.29 2.21
C ASP A 43 -46.08 -8.01 2.10
N ALA A 44 -45.72 -8.47 0.90
CA ALA A 44 -44.44 -9.15 0.70
C ALA A 44 -43.29 -8.21 0.98
N ALA A 45 -43.41 -6.94 0.57
CA ALA A 45 -42.35 -5.95 0.74
C ALA A 45 -42.19 -5.63 2.22
N ALA A 47 -42.87 -7.78 4.63
CA ALA A 47 -42.25 -8.94 5.22
C ALA A 47 -40.75 -8.96 4.91
N LEU A 48 -40.40 -8.44 3.73
CA LEU A 48 -38.99 -8.38 3.35
C LEU A 48 -38.22 -7.41 4.24
N LEU A 49 -38.82 -6.27 4.56
CA LEU A 49 -38.19 -5.34 5.49
C LEU A 49 -38.08 -5.94 6.88
N ASP A 50 -39.15 -6.58 7.38
CA ASP A 50 -39.07 -7.36 8.62
C ASP A 50 -37.85 -8.28 8.62
N TYR A 51 -37.66 -8.99 7.52
CA TYR A 51 -36.55 -9.93 7.39
C TYR A 51 -35.20 -9.21 7.53
N TYR A 52 -34.99 -8.14 6.78
CA TYR A 52 -33.70 -7.45 6.89
C TYR A 52 -33.49 -6.82 8.25
N ARG A 53 -34.57 -6.35 8.90
CA ARG A 53 -34.40 -5.76 10.22
C ARG A 53 -34.01 -6.80 11.26
N ALA A 54 -34.41 -8.06 11.07
CA ALA A 54 -34.09 -9.11 12.01
C ALA A 54 -32.82 -9.86 11.64
N ARG A 55 -32.27 -9.57 10.48
CA ARG A 55 -31.06 -10.20 9.99
C ARG A 55 -29.81 -9.60 10.69
N THR A 56 -28.90 -10.32 11.38
CA THR A 56 -28.75 -11.71 11.89
C THR A 56 -27.27 -12.11 11.60
N ASN A 57 -26.97 -12.66 10.42
CA ASN A 57 -25.68 -13.27 10.14
C ASN A 57 -24.89 -12.50 9.09
N VAL A 58 -25.09 -11.18 9.01
CA VAL A 58 -24.49 -10.37 7.94
C VAL A 58 -23.92 -9.11 8.56
N LYS A 59 -22.60 -8.92 8.48
CA LYS A 59 -21.94 -7.74 9.01
C LYS A 59 -20.91 -7.27 7.98
N THR A 60 -20.36 -6.08 8.21
CA THR A 60 -19.25 -5.62 7.40
C THR A 60 -18.16 -5.07 8.30
N PRO A 61 -16.89 -5.23 7.90
CA PRO A 61 -15.79 -4.62 8.68
C PRO A 61 -15.83 -3.10 8.67
N ASP A 62 -16.53 -2.48 7.70
CA ASP A 62 -16.56 -1.03 7.58
C ASP A 62 -17.26 -0.37 8.76
N ILE A 63 -18.15 -1.08 9.47
CA ILE A 63 -18.93 -0.43 10.50
C ILE A 63 -19.20 -1.43 11.62
N ASN A 64 -19.13 -0.94 12.87
CA ASN A 64 -19.62 -1.66 14.03
C ASN A 64 -20.84 -0.90 14.52
N LEU A 65 -22.03 -1.49 14.36
CA LEU A 65 -23.24 -0.80 14.76
C LEU A 65 -23.33 -0.62 16.27
N LYS A 66 -22.48 -1.29 17.04
CA LYS A 66 -22.40 -1.05 18.48
C LYS A 66 -21.42 0.06 18.84
N LYS A 67 -20.62 0.53 17.87
CA LYS A 67 -19.62 1.57 18.14
C LYS A 67 -19.64 2.61 17.02
N ILE A 68 -20.79 3.23 16.80
CA ILE A 68 -20.92 4.26 15.77
C ILE A 68 -20.44 5.60 16.34
N THR A 69 -19.49 6.22 15.64
CA THR A 69 -19.00 7.55 15.98
C THR A 69 -19.11 8.45 14.75
N ILE A 70 -18.99 9.75 14.96
CA ILE A 70 -18.97 10.70 13.86
C ILE A 70 -17.89 11.75 14.14
N GLY A 71 -17.11 12.08 13.10
CA GLY A 71 -16.08 13.10 13.23
C GLY A 71 -16.64 14.50 13.05
N LYS A 72 -15.78 15.49 13.26
CA LYS A 72 -16.22 16.88 13.18
C LYS A 72 -16.50 17.29 11.74
N GLU A 73 -15.62 16.93 10.81
CA GLU A 73 -15.94 17.17 9.40
C GLU A 73 -17.06 16.27 8.92
N GLU A 74 -17.15 15.04 9.45
CA GLU A 74 -18.23 14.17 9.04
C GLU A 74 -19.59 14.71 9.48
N GLN A 75 -19.66 15.26 10.71
CA GLN A 75 -20.87 15.97 11.10
C GLN A 75 -21.11 17.17 10.19
N GLN A 76 -20.04 17.76 9.68
CA GLN A 76 -20.18 18.93 8.83
C GLN A 76 -20.74 18.54 7.47
N TRP A 77 -20.21 17.46 6.87
CA TRP A 77 -20.79 16.98 5.62
C TRP A 77 -22.23 16.52 5.82
N ALA A 78 -22.52 15.91 6.97
CA ALA A 78 -23.88 15.46 7.22
C ALA A 78 -24.85 16.63 7.30
N ASP A 79 -24.46 17.69 8.02
CA ASP A 79 -25.31 18.87 8.13
C ASP A 79 -25.46 19.58 6.79
N ASP A 80 -24.37 19.68 6.02
CA ASP A 80 -24.50 20.21 4.66
C ASP A 80 -25.48 19.37 3.85
N GLY A 81 -25.38 18.04 3.96
CA GLY A 81 -26.32 17.19 3.24
C GLY A 81 -27.77 17.50 3.58
N LEU A 82 -28.03 17.83 4.84
CA LEU A 82 -29.38 18.16 5.27
C LEU A 82 -29.92 19.38 4.55
N LYS A 83 -29.03 20.27 4.10
CA LYS A 83 -29.41 21.49 3.40
C LYS A 83 -29.08 21.42 1.91
N HIS A 84 -28.86 20.22 1.39
CA HIS A 84 -28.53 19.93 0.00
C HIS A 84 -27.17 20.47 -0.45
N THR A 85 -26.31 20.85 0.49
CA THR A 85 -24.91 21.08 0.20
C THR A 85 -24.17 19.75 0.30
N PHE A 86 -23.46 19.39 -0.77
CA PHE A 86 -22.97 18.03 -0.94
C PHE A 86 -21.46 17.99 -0.91
N PHE A 87 -20.91 17.09 -0.09
CA PHE A 87 -19.47 16.90 0.00
C PHE A 87 -19.01 15.87 -1.04
N TYR A 96 -20.58 23.27 -2.80
CA TYR A 96 -21.73 23.73 -3.58
C TYR A 96 -23.06 23.33 -2.95
N ASN A 97 -24.06 24.18 -3.18
CA ASN A 97 -25.45 23.87 -2.88
C ASN A 97 -26.13 23.44 -4.17
N TYR A 98 -26.73 22.26 -4.17
CA TYR A 98 -27.29 21.66 -5.37
C TYR A 98 -28.80 21.88 -5.50
N GLY A 99 -29.33 22.91 -4.84
CA GLY A 99 -30.70 23.33 -5.03
C GLY A 99 -31.70 22.54 -4.20
N GLU A 100 -32.90 23.11 -4.06
CA GLU A 100 -33.98 22.44 -3.35
C GLU A 100 -34.45 21.20 -4.12
N ASP A 101 -34.81 21.38 -5.40
CA ASP A 101 -34.95 20.26 -6.32
C ASP A 101 -33.53 19.93 -6.81
N ILE A 102 -32.96 18.85 -6.27
CA ILE A 102 -31.52 18.61 -6.38
C ILE A 102 -31.09 18.51 -7.83
N ASN A 103 -30.16 19.38 -8.23
CA ASN A 103 -29.61 19.35 -9.59
C ASN A 103 -28.38 18.45 -9.57
N TRP A 104 -28.58 17.18 -9.92
CA TRP A 104 -27.48 16.22 -9.93
C TRP A 104 -26.53 16.41 -11.11
N GLN A 105 -26.90 17.22 -12.10
CA GLN A 105 -25.99 17.58 -13.18
C GLN A 105 -25.47 19.01 -13.03
N TYR A 106 -25.63 19.60 -11.85
CA TYR A 106 -25.29 21.01 -11.64
C TYR A 106 -23.82 21.27 -11.95
N TRP A 107 -23.58 22.12 -12.95
CA TRP A 107 -22.23 22.46 -13.38
C TRP A 107 -22.03 23.97 -13.33
N PRO A 108 -21.43 24.50 -12.25
CA PRO A 108 -21.17 25.94 -12.20
C PRO A 108 -20.10 26.35 -13.19
N VAL A 109 -19.00 25.58 -13.22
CA VAL A 109 -17.95 25.69 -14.20
C VAL A 109 -17.76 24.31 -14.82
N LYS A 110 -17.09 24.27 -15.97
CA LYS A 110 -16.70 23.01 -16.58
C LYS A 110 -15.77 22.24 -15.65
N ASP A 111 -16.31 21.23 -14.97
CA ASP A 111 -15.51 20.38 -14.07
C ASP A 111 -16.05 18.96 -14.18
N ASN A 112 -15.39 18.14 -14.99
CA ASN A 112 -15.73 16.72 -15.05
C ASN A 112 -15.43 16.03 -13.74
N GLU A 113 -14.28 16.36 -13.12
CA GLU A 113 -13.90 15.71 -11.88
C GLU A 113 -14.93 15.97 -10.78
N LEU A 114 -15.46 17.19 -10.73
CA LEU A 114 -16.51 17.52 -9.76
C LEU A 114 -17.78 16.75 -10.04
N ARG A 115 -18.14 16.60 -11.31
CA ARG A 115 -19.36 15.87 -11.65
C ARG A 115 -19.24 14.41 -11.27
N TRP A 116 -18.09 13.79 -11.55
CA TRP A 116 -17.90 12.40 -11.14
C TRP A 116 -17.86 12.26 -9.61
N GLN A 117 -17.21 13.19 -8.91
CA GLN A 117 -17.10 13.07 -7.47
C GLN A 117 -18.47 13.15 -6.80
N LEU A 118 -19.36 13.99 -7.36
CA LEU A 118 -20.71 14.12 -6.79
C LEU A 118 -21.42 12.77 -6.72
N HIS A 119 -21.27 11.94 -7.75
CA HIS A 119 -21.95 10.66 -7.79
C HIS A 119 -21.30 9.63 -6.87
N ARG A 120 -20.33 10.03 -6.05
CA ARG A 120 -19.86 9.16 -5.00
C ARG A 120 -20.71 9.26 -3.74
N HIS A 121 -21.53 10.31 -3.61
CA HIS A 121 -22.45 10.46 -2.48
C HIS A 121 -21.68 10.42 -1.16
N LYS A 122 -20.55 11.11 -1.11
CA LYS A 122 -19.68 11.07 0.05
C LYS A 122 -20.35 11.56 1.33
N TRP A 123 -21.52 12.19 1.23
CA TRP A 123 -22.21 12.69 2.41
C TRP A 123 -23.33 11.77 2.88
N PHE A 124 -23.68 10.72 2.12
CA PHE A 124 -24.76 9.83 2.52
C PHE A 124 -24.43 9.10 3.82
N THR A 125 -23.25 8.49 3.89
CA THR A 125 -22.89 7.75 5.08
C THR A 125 -22.68 8.67 6.29
N PRO A 126 -22.00 9.83 6.14
CA PRO A 126 -22.02 10.82 7.23
C PRO A 126 -23.41 11.06 7.81
N MET A 127 -24.42 11.22 6.95
CA MET A 127 -25.77 11.42 7.47
C MET A 127 -26.30 10.20 8.22
N GLY A 128 -25.94 8.99 7.77
CA GLY A 128 -26.26 7.78 8.50
C GLY A 128 -25.69 7.74 9.91
N ALA A 130 -24.63 10.35 11.56
CA ALA A 130 -25.23 11.48 12.25
C ALA A 130 -26.64 11.10 12.69
N TYR A 131 -27.32 10.30 11.87
CA TYR A 131 -28.65 9.84 12.25
C TYR A 131 -28.58 8.92 13.46
N ARG A 132 -27.60 8.01 13.50
CA ARG A 132 -27.52 7.07 14.61
C ARG A 132 -27.01 7.74 15.87
N VAL A 133 -26.01 8.62 15.77
CA VAL A 133 -25.45 9.21 16.98
C VAL A 133 -26.38 10.27 17.56
N SER A 134 -26.97 11.12 16.70
CA SER A 134 -27.87 12.16 17.20
C SER A 134 -29.24 11.58 17.50
N GLY A 135 -29.71 10.66 16.67
CA GLY A 135 -30.94 9.93 16.95
C GLY A 135 -32.20 10.60 16.45
N ASP A 136 -32.09 11.72 15.74
CA ASP A 136 -33.24 12.45 15.23
C ASP A 136 -33.37 12.24 13.72
N GLU A 137 -34.62 12.12 13.29
CA GLU A 137 -34.94 11.57 11.99
C GLU A 137 -34.64 12.49 10.81
N LYS A 138 -34.18 13.73 11.06
CA LYS A 138 -33.96 14.65 9.96
C LYS A 138 -32.95 14.08 8.97
N TYR A 139 -31.92 13.40 9.46
CA TYR A 139 -30.92 12.80 8.58
C TYR A 139 -31.52 11.66 7.77
N ALA A 140 -32.29 10.79 8.41
CA ALA A 140 -32.85 9.65 7.70
C ALA A 140 -33.90 10.09 6.67
N LYS A 141 -34.77 11.02 7.07
CA LYS A 141 -35.77 11.59 6.16
C LYS A 141 -35.11 12.16 4.91
N GLU A 142 -34.11 13.02 5.10
CA GLU A 142 -33.45 13.66 3.97
C GLU A 142 -32.75 12.65 3.08
N TRP A 143 -32.03 11.70 3.67
CA TRP A 143 -31.29 10.74 2.86
C TRP A 143 -32.21 9.88 2.00
N ALA A 144 -33.33 9.42 2.58
CA ALA A 144 -34.29 8.65 1.78
C ALA A 144 -34.73 9.46 0.57
N TYR A 145 -35.06 10.74 0.78
CA TYR A 145 -35.44 11.61 -0.32
C TYR A 145 -34.35 11.68 -1.38
N GLN A 146 -33.11 11.99 -0.97
CA GLN A 146 -32.05 12.17 -1.95
C GLN A 146 -31.68 10.84 -2.61
N TYR A 147 -31.82 9.74 -1.88
CA TYR A 147 -31.50 8.44 -2.46
C TYR A 147 -32.44 8.13 -3.62
N ILE A 148 -33.74 8.27 -3.39
CA ILE A 148 -34.71 8.03 -4.45
C ILE A 148 -34.55 9.06 -5.55
N ASP A 149 -34.35 10.33 -5.19
CA ASP A 149 -34.30 11.37 -6.21
C ASP A 149 -33.12 11.16 -7.15
N TRP A 150 -32.01 10.62 -6.66
CA TRP A 150 -30.89 10.29 -7.54
C TRP A 150 -31.27 9.19 -8.52
N ILE A 151 -31.98 8.17 -8.04
CA ILE A 151 -32.47 7.11 -8.92
C ILE A 151 -33.30 7.70 -10.05
N LYS A 152 -34.17 8.65 -9.71
CA LYS A 152 -35.10 9.17 -10.71
C LYS A 152 -34.39 10.04 -11.73
N LYS A 153 -33.40 10.83 -11.30
CA LYS A 153 -32.77 11.79 -12.20
C LYS A 153 -31.51 11.26 -12.87
N ASN A 154 -31.09 10.03 -12.58
CA ASN A 154 -29.90 9.43 -13.19
C ASN A 154 -30.21 8.03 -13.73
N PRO A 155 -31.03 7.95 -14.77
CA PRO A 155 -31.35 6.63 -15.32
C PRO A 155 -30.20 6.07 -16.14
N LEU A 156 -30.07 4.74 -16.14
CA LEU A 156 -29.04 4.07 -16.92
C LEU A 156 -29.61 3.71 -18.29
N VAL A 157 -29.32 4.53 -19.29
CA VAL A 157 -29.91 4.34 -20.62
C VAL A 157 -28.82 4.22 -21.68
N LYS A 158 -29.22 4.01 -22.93
CA LYS A 158 -28.28 3.86 -24.03
C LYS A 158 -28.92 4.40 -25.30
N MET A 159 -28.07 4.73 -26.27
CA MET A 159 -28.54 5.21 -27.56
C MET A 159 -27.52 4.87 -28.63
N ASP A 160 -28.03 4.51 -29.81
CA ASP A 160 -27.19 4.27 -30.97
C ASP A 160 -26.34 5.50 -31.27
N LYS A 161 -25.08 5.25 -31.66
CA LYS A 161 -24.16 6.34 -31.95
C LYS A 161 -24.57 7.11 -33.21
N LYS A 162 -25.08 6.41 -34.22
CA LYS A 162 -25.53 7.09 -35.44
C LYS A 162 -26.72 8.00 -35.16
N GLU A 163 -27.57 7.64 -34.20
CA GLU A 163 -28.67 8.51 -33.80
C GLU A 163 -28.19 9.62 -32.86
N TYR A 164 -27.32 9.27 -31.89
CA TYR A 164 -26.79 10.26 -30.96
C TYR A 164 -26.22 11.48 -31.69
N GLU A 165 -25.60 11.27 -32.85
CA GLU A 165 -25.02 12.39 -33.58
C GLU A 165 -26.08 13.29 -34.21
N LEU A 166 -27.25 12.73 -34.54
CA LEU A 166 -28.32 13.49 -35.17
C LEU A 166 -29.29 14.12 -34.17
N VAL A 167 -29.38 13.59 -32.95
CA VAL A 167 -30.19 14.20 -31.90
C VAL A 167 -29.55 15.53 -31.50
N SER A 168 -30.39 16.52 -31.21
CA SER A 168 -29.90 17.80 -30.71
C SER A 168 -29.94 17.82 -29.19
N ASP A 169 -29.29 18.82 -28.61
CA ASP A 169 -29.17 18.90 -27.16
C ASP A 169 -30.54 19.01 -26.50
N GLY A 170 -30.71 18.30 -25.39
CA GLY A 170 -32.00 18.31 -24.71
C GLY A 170 -32.02 17.25 -23.62
N LYS A 171 -33.23 16.93 -23.17
CA LYS A 171 -33.39 16.02 -22.04
C LYS A 171 -32.95 14.60 -22.40
N ILE A 172 -33.28 14.14 -23.62
CA ILE A 172 -32.90 12.79 -24.03
C ILE A 172 -31.40 12.71 -24.25
N LYS A 173 -30.83 13.73 -24.90
CA LYS A 173 -29.38 13.74 -25.13
C LYS A 173 -28.61 13.91 -23.84
N GLY A 174 -29.10 14.79 -22.94
CA GLY A 174 -28.42 14.97 -21.67
C GLY A 174 -28.43 13.73 -20.81
N GLU A 175 -29.55 13.00 -20.80
CA GLU A 175 -29.61 11.75 -20.04
C GLU A 175 -28.57 10.75 -20.53
N VAL A 176 -28.38 10.65 -21.85
CA VAL A 176 -27.40 9.72 -22.38
C VAL A 176 -25.98 10.14 -22.00
N GLU A 177 -25.66 11.43 -22.12
CA GLU A 177 -24.34 11.91 -21.75
C GLU A 177 -24.13 11.83 -20.24
N ASN A 178 -25.19 11.99 -19.45
CA ASN A 178 -25.06 11.87 -17.99
C ASN A 178 -24.55 10.50 -17.57
N VAL A 179 -24.90 9.44 -18.32
CA VAL A 179 -24.51 8.08 -17.97
C VAL A 179 -22.99 7.97 -17.86
N ARG A 180 -22.25 8.75 -18.65
CA ARG A 180 -20.79 8.75 -18.56
C ARG A 180 -20.32 9.19 -17.18
N PHE A 181 -21.11 9.98 -16.47
CA PHE A 181 -20.75 10.50 -15.15
C PHE A 181 -21.39 9.73 -14.02
N ALA A 182 -22.70 9.48 -14.08
CA ALA A 182 -23.38 8.81 -12.98
C ALA A 182 -23.08 7.32 -12.92
N TRP A 183 -22.70 6.70 -14.04
CA TRP A 183 -22.59 5.24 -14.09
C TRP A 183 -21.21 4.81 -14.59
N ARG A 184 -20.21 5.65 -14.44
CA ARG A 184 -18.84 5.22 -14.70
C ARG A 184 -18.45 4.15 -13.67
N PRO A 185 -17.84 3.04 -14.08
CA PRO A 185 -17.56 1.95 -13.13
C PRO A 185 -16.82 2.38 -11.88
N LEU A 186 -15.94 3.39 -11.95
CA LEU A 186 -15.27 3.88 -10.75
C LEU A 186 -16.27 4.26 -9.67
N GLU A 187 -17.20 5.16 -9.99
CA GLU A 187 -18.17 5.58 -8.99
C GLU A 187 -19.18 4.48 -8.67
N VAL A 188 -19.59 3.68 -9.66
CA VAL A 188 -20.57 2.63 -9.41
C VAL A 188 -20.04 1.63 -8.39
N SER A 189 -18.77 1.25 -8.49
CA SER A 189 -18.27 0.27 -7.54
C SER A 189 -18.09 0.90 -6.17
N ASN A 190 -17.77 2.19 -6.11
CA ASN A 190 -17.72 2.86 -4.82
C ASN A 190 -19.08 2.79 -4.13
N ARG A 191 -20.16 3.06 -4.87
CA ARG A 191 -21.49 3.01 -4.28
C ARG A 191 -21.85 1.59 -3.86
N LEU A 192 -21.46 0.59 -4.66
CA LEU A 192 -21.72 -0.80 -4.26
C LEU A 192 -21.19 -1.09 -2.88
N GLN A 193 -19.98 -0.61 -2.55
CA GLN A 193 -19.48 -0.83 -1.21
C GLN A 193 -20.14 0.07 -0.18
N ASP A 194 -20.20 1.38 -0.46
CA ASP A 194 -20.67 2.36 0.54
C ASP A 194 -22.14 2.15 0.89
N GLN A 195 -22.96 1.72 -0.08
CA GLN A 195 -24.37 1.56 0.24
C GLN A 195 -24.61 0.41 1.22
N THR A 196 -23.69 -0.55 1.34
CA THR A 196 -23.84 -1.50 2.46
C THR A 196 -23.69 -0.77 3.79
N THR A 197 -22.89 0.30 3.87
CA THR A 197 -22.86 1.05 5.11
C THR A 197 -24.16 1.85 5.31
N GLN A 198 -24.62 2.56 4.28
CA GLN A 198 -25.87 3.32 4.38
C GLN A 198 -27.03 2.42 4.80
N PHE A 199 -27.09 1.22 4.22
CA PHE A 199 -28.18 0.29 4.50
C PHE A 199 -28.20 -0.06 5.98
N GLN A 200 -27.02 -0.37 6.54
CA GLN A 200 -26.99 -0.75 7.94
C GLN A 200 -27.36 0.41 8.85
N LEU A 201 -26.97 1.63 8.47
CA LEU A 201 -27.19 2.78 9.32
C LEU A 201 -28.64 3.21 9.35
N PHE A 202 -29.31 3.15 8.20
CA PHE A 202 -30.64 3.77 8.07
C PHE A 202 -31.79 2.79 8.23
N LEU A 203 -31.52 1.49 8.17
CA LEU A 203 -32.59 0.49 8.16
C LEU A 203 -33.60 0.61 9.30
N PRO A 204 -33.22 0.98 10.55
CA PRO A 204 -34.23 1.11 11.61
C PRO A 204 -35.19 2.27 11.41
N SER A 205 -34.94 3.19 10.48
CA SER A 205 -35.74 4.41 10.42
C SER A 205 -37.13 4.15 9.83
N PRO A 206 -38.17 4.82 10.33
CA PRO A 206 -39.48 4.75 9.66
C PRO A 206 -39.46 5.30 8.24
N SER A 207 -38.53 6.19 7.90
CA SER A 207 -38.35 6.61 6.51
C SER A 207 -37.91 5.46 5.60
N PHE A 208 -37.28 4.42 6.17
CA PHE A 208 -36.90 3.23 5.42
C PHE A 208 -38.14 2.35 5.28
N THR A 209 -39.02 2.74 4.38
CA THR A 209 -40.31 2.08 4.22
C THR A 209 -40.14 0.83 3.36
N PRO A 210 -41.17 -0.04 3.33
CA PRO A 210 -41.07 -1.21 2.44
C PRO A 210 -40.89 -0.83 0.99
N ASP A 211 -41.61 0.20 0.51
CA ASP A 211 -41.41 0.61 -0.89
C ASP A 211 -39.98 1.05 -1.13
N PHE A 212 -39.44 1.84 -0.20
CA PHE A 212 -38.05 2.28 -0.32
C PHE A 212 -37.11 1.09 -0.42
N LEU A 213 -37.34 0.06 0.40
CA LEU A 213 -36.47 -1.11 0.37
C LEU A 213 -36.45 -1.72 -1.02
N THR A 214 -37.63 -1.83 -1.68
CA THR A 214 -37.64 -2.44 -3.00
C THR A 214 -36.88 -1.58 -3.99
N GLU A 215 -36.99 -0.25 -3.86
CA GLU A 215 -36.22 0.66 -4.70
C GLU A 215 -34.72 0.50 -4.45
N PHE A 216 -34.33 0.44 -3.18
CA PHE A 216 -32.92 0.27 -2.84
C PHE A 216 -32.34 -1.00 -3.45
N LEU A 217 -33.06 -2.12 -3.31
CA LEU A 217 -32.48 -3.38 -3.78
C LEU A 217 -32.45 -3.45 -5.31
N VAL A 218 -33.48 -2.93 -6.00
CA VAL A 218 -33.46 -2.92 -7.46
C VAL A 218 -32.30 -2.07 -7.99
N ASN A 219 -32.12 -0.89 -7.39
CA ASN A 219 -31.00 -0.03 -7.76
C ASN A 219 -29.68 -0.73 -7.44
N TYR A 220 -29.57 -1.33 -6.26
CA TYR A 220 -28.32 -1.97 -5.87
C TYR A 220 -27.95 -3.10 -6.85
N HIS A 221 -28.94 -3.91 -7.20
CA HIS A 221 -28.72 -5.01 -8.12
C HIS A 221 -28.27 -4.49 -9.48
N LYS A 222 -28.85 -3.38 -9.92
CA LYS A 222 -28.46 -2.77 -11.20
C LYS A 222 -26.99 -2.37 -11.19
N HIS A 223 -26.50 -1.84 -10.06
CA HIS A 223 -25.09 -1.50 -9.92
C HIS A 223 -24.20 -2.73 -10.10
N ALA A 224 -24.57 -3.85 -9.47
CA ALA A 224 -23.73 -5.04 -9.50
C ALA A 224 -23.67 -5.62 -10.91
N VAL A 225 -24.82 -5.73 -11.55
CA VAL A 225 -24.91 -6.19 -12.94
C VAL A 225 -24.09 -5.28 -13.86
N HIS A 226 -24.12 -3.97 -13.60
CA HIS A 226 -23.36 -3.04 -14.43
C HIS A 226 -21.86 -3.30 -14.32
N ILE A 227 -21.35 -3.50 -13.10
CA ILE A 227 -19.92 -3.76 -12.92
C ILE A 227 -19.51 -5.06 -13.60
N LEU A 228 -20.35 -6.11 -13.48
CA LEU A 228 -20.04 -7.37 -14.15
C LEU A 228 -19.87 -7.19 -15.65
N ALA A 229 -20.63 -6.28 -16.24
CA ALA A 229 -20.56 -6.00 -17.67
C ALA A 229 -19.46 -5.01 -18.03
N ASN A 230 -18.81 -4.38 -17.05
CA ASN A 230 -17.89 -3.29 -17.34
C ASN A 230 -16.60 -3.39 -16.55
N TYR A 231 -16.13 -4.60 -16.24
CA TYR A 231 -14.87 -4.74 -15.54
C TYR A 231 -13.75 -4.06 -16.32
N SER A 232 -12.88 -3.34 -15.60
CA SER A 232 -11.69 -2.75 -16.22
C SER A 232 -10.75 -3.85 -16.73
N ASP A 233 -9.94 -3.48 -17.72
CA ASP A 233 -9.02 -4.43 -18.32
C ASP A 233 -7.91 -4.84 -17.36
N GLN A 234 -7.41 -3.90 -16.56
CA GLN A 234 -6.28 -4.16 -15.70
C GLN A 234 -6.14 -3.00 -14.72
N GLY A 235 -5.22 -3.15 -13.78
CA GLY A 235 -4.86 -2.09 -12.85
C GLY A 235 -5.53 -2.26 -11.50
N ASN A 236 -5.18 -1.35 -10.60
CA ASN A 236 -5.80 -1.37 -9.28
C ASN A 236 -7.32 -1.23 -9.38
N HIS A 237 -7.81 -0.57 -10.44
CA HIS A 237 -9.26 -0.37 -10.55
C HIS A 237 -9.98 -1.71 -10.68
N LEU A 238 -9.39 -2.66 -11.41
CA LEU A 238 -10.00 -3.97 -11.56
C LEU A 238 -10.03 -4.71 -10.22
N LEU A 239 -8.98 -4.55 -9.41
CA LEU A 239 -8.96 -5.13 -8.08
C LEU A 239 -10.13 -4.62 -7.23
N PHE A 240 -10.35 -3.30 -7.24
CA PHE A 240 -11.42 -2.72 -6.43
C PHE A 240 -12.80 -3.14 -6.94
N GLU A 241 -12.97 -3.24 -8.26
CA GLU A 241 -14.23 -3.73 -8.79
C GLU A 241 -14.51 -5.13 -8.29
N ALA A 242 -13.52 -6.02 -8.37
CA ALA A 242 -13.71 -7.39 -7.92
C ALA A 242 -13.97 -7.45 -6.42
N GLN A 243 -13.20 -6.69 -5.65
CA GLN A 243 -13.40 -6.68 -4.21
C GLN A 243 -14.83 -6.28 -3.85
N ARG A 244 -15.37 -5.30 -4.56
CA ARG A 244 -16.68 -4.77 -4.24
C ARG A 244 -17.80 -5.65 -4.78
N MET A 245 -17.54 -6.42 -5.85
CA MET A 245 -18.47 -7.48 -6.25
CA MET A 245 -18.48 -7.46 -6.24
C MET A 245 -18.62 -8.51 -5.14
N ILE A 246 -17.52 -8.80 -4.44
CA ILE A 246 -17.60 -9.71 -3.29
C ILE A 246 -18.43 -9.08 -2.17
N TYR A 247 -18.22 -7.79 -1.88
CA TYR A 247 -19.13 -7.03 -1.02
C TYR A 247 -20.59 -7.24 -1.39
N ALA A 248 -20.92 -7.01 -2.66
CA ALA A 248 -22.32 -7.12 -3.07
C ALA A 248 -22.88 -8.50 -2.75
N GLY A 249 -22.11 -9.56 -3.03
CA GLY A 249 -22.67 -10.91 -2.97
C GLY A 249 -22.59 -11.49 -1.58
N ALA A 250 -21.71 -10.92 -0.75
CA ALA A 250 -21.59 -11.33 0.64
C ALA A 250 -22.57 -10.60 1.54
N PHE A 251 -22.85 -9.33 1.25
CA PHE A 251 -23.75 -8.56 2.08
C PHE A 251 -25.21 -8.73 1.72
N PHE A 252 -25.51 -9.04 0.46
CA PHE A 252 -26.87 -9.36 0.01
C PHE A 252 -26.89 -10.75 -0.60
N PRO A 253 -26.53 -11.78 0.18
CA PRO A 253 -26.53 -13.13 -0.37
C PRO A 253 -27.92 -13.62 -0.76
N GLU A 254 -28.98 -12.87 -0.44
CA GLU A 254 -30.34 -13.27 -0.85
C GLU A 254 -30.60 -13.05 -2.34
N PHE A 255 -29.80 -12.26 -3.02
CA PHE A 255 -29.96 -12.15 -4.48
C PHE A 255 -29.69 -13.50 -5.12
N GLU A 257 -28.35 -14.03 -7.88
CA GLU A 257 -27.03 -13.91 -8.54
C GLU A 257 -25.87 -13.69 -7.56
N ALA A 258 -26.15 -13.56 -6.26
CA ALA A 258 -25.11 -13.24 -5.30
C ALA A 258 -23.96 -14.25 -5.28
N PRO A 259 -24.18 -15.58 -5.32
CA PRO A 259 -23.03 -16.50 -5.38
C PRO A 259 -22.17 -16.27 -6.61
N ALA A 260 -22.80 -15.94 -7.74
CA ALA A 260 -22.07 -15.65 -8.98
C ALA A 260 -21.25 -14.38 -8.84
N TRP A 261 -21.81 -13.35 -8.19
CA TRP A 261 -21.01 -12.13 -7.97
C TRP A 261 -19.79 -12.42 -7.12
N ARG A 262 -19.95 -13.18 -6.04
CA ARG A 262 -18.79 -13.49 -5.20
C ARG A 262 -17.73 -14.25 -6.01
N SER A 264 -17.24 -14.32 -9.24
CA SER A 264 -16.65 -13.41 -10.22
C SER A 264 -15.48 -12.62 -9.59
N GLY A 265 -15.74 -12.00 -8.44
CA GLY A 265 -14.71 -11.20 -7.78
C GLY A 265 -13.55 -12.04 -7.28
N ILE A 266 -13.83 -13.21 -6.72
CA ILE A 266 -12.78 -14.10 -6.20
C ILE A 266 -11.86 -14.57 -7.33
N ASP A 267 -12.45 -15.01 -8.45
CA ASP A 267 -11.64 -15.49 -9.56
C ASP A 267 -10.71 -14.39 -10.06
N ILE A 268 -11.21 -13.14 -10.11
CA ILE A 268 -10.36 -12.04 -10.59
C ILE A 268 -9.20 -11.80 -9.64
N LEU A 269 -9.50 -11.69 -8.33
CA LEU A 269 -8.45 -11.42 -7.35
C LEU A 269 -7.43 -12.54 -7.29
N ASN A 270 -7.90 -13.80 -7.36
CA ASN A 270 -6.97 -14.91 -7.36
C ASN A 270 -6.02 -14.85 -8.56
N ARG A 271 -6.58 -14.63 -9.75
CA ARG A 271 -5.73 -14.53 -10.93
C ARG A 271 -4.73 -13.39 -10.80
N GLU A 272 -5.18 -12.23 -10.29
CA GLU A 272 -4.30 -11.07 -10.29
C GLU A 272 -3.21 -11.17 -9.24
N VAL A 273 -3.50 -11.78 -8.08
CA VAL A 273 -2.44 -11.93 -7.08
C VAL A 273 -1.36 -12.88 -7.58
N ASN A 274 -1.72 -13.86 -8.42
CA ASN A 274 -0.68 -14.71 -9.01
C ASN A 274 0.18 -13.97 -10.02
N VAL A 275 -0.33 -12.91 -10.64
CA VAL A 275 0.43 -12.13 -11.63
C VAL A 275 1.35 -11.12 -10.95
N GLN A 276 0.98 -10.67 -9.75
CA GLN A 276 1.52 -9.49 -9.11
C GLN A 276 2.52 -9.76 -8.00
N VAL A 277 2.55 -10.98 -7.48
CA VAL A 277 3.28 -11.26 -6.24
C VAL A 277 4.28 -12.36 -6.53
N TYR A 278 5.54 -12.09 -6.20
CA TYR A 278 6.58 -13.10 -6.35
C TYR A 278 6.34 -14.25 -5.37
N ASN A 279 6.92 -15.40 -5.70
CA ASN A 279 6.73 -16.58 -4.86
C ASN A 279 7.22 -16.36 -3.43
N ASP A 280 8.19 -15.47 -3.23
CA ASP A 280 8.61 -15.21 -1.85
C ASP A 280 7.70 -14.22 -1.11
N GLY A 281 6.64 -13.72 -1.74
CA GLY A 281 5.70 -12.87 -1.03
C GLY A 281 5.75 -11.41 -1.39
N GLY A 282 6.80 -10.96 -2.08
CA GLY A 282 6.91 -9.54 -2.38
C GLY A 282 6.11 -9.15 -3.62
N GLN A 283 5.43 -8.00 -3.52
CA GLN A 283 4.67 -7.49 -4.66
C GLN A 283 5.62 -6.86 -5.70
N PHE A 284 5.31 -7.01 -6.99
CA PHE A 284 6.37 -6.86 -7.99
C PHE A 284 6.73 -5.40 -8.29
N GLU A 285 6.08 -4.40 -7.68
CA GLU A 285 6.56 -3.03 -7.84
C GLU A 285 7.79 -2.73 -7.00
N LEU A 286 8.12 -3.61 -6.04
CA LEU A 286 9.30 -3.45 -5.17
C LEU A 286 9.21 -2.16 -4.37
N ASP A 287 7.98 -1.81 -3.98
CA ASP A 287 7.69 -0.57 -3.28
C ASP A 287 6.92 -0.91 -2.02
N PRO A 288 7.50 -0.68 -0.82
CA PRO A 288 6.81 -1.14 0.41
C PRO A 288 5.41 -0.55 0.56
N HIS A 289 5.21 0.71 0.17
CA HIS A 289 3.90 1.32 0.37
C HIS A 289 2.88 0.72 -0.57
N TYR A 290 3.27 0.47 -1.83
CA TYR A 290 2.36 -0.16 -2.78
C TYR A 290 2.13 -1.63 -2.43
N HIS A 291 3.12 -2.28 -1.80
CA HIS A 291 2.95 -3.64 -1.28
C HIS A 291 1.87 -3.68 -0.20
N LEU A 292 1.95 -2.74 0.75
CA LEU A 292 0.97 -2.70 1.84
C LEU A 292 -0.42 -2.37 1.30
N ALA A 293 -0.51 -1.45 0.33
CA ALA A 293 -1.81 -1.14 -0.27
C ALA A 293 -2.40 -2.38 -0.93
N ALA A 294 -1.56 -3.20 -1.55
CA ALA A 294 -2.07 -4.42 -2.19
C ALA A 294 -2.59 -5.41 -1.17
N ILE A 295 -1.79 -5.69 -0.13
CA ILE A 295 -2.26 -6.51 0.99
C ILE A 295 -3.67 -6.07 1.37
N ASN A 296 -3.85 -4.76 1.54
CA ASN A 296 -5.11 -4.31 2.11
C ASN A 296 -6.28 -4.48 1.15
N ILE A 297 -6.05 -4.36 -0.16
CA ILE A 297 -7.12 -4.67 -1.12
C ILE A 297 -7.50 -6.14 -1.03
N PHE A 298 -6.50 -7.01 -1.06
CA PHE A 298 -6.76 -8.45 -1.00
C PHE A 298 -7.37 -8.88 0.33
N CYS A 299 -7.01 -8.23 1.43
CA CYS A 299 -7.55 -8.62 2.74
C CYS A 299 -8.97 -8.08 2.96
N ALA A 301 -11.26 -7.78 0.66
CA ALA A 301 -12.06 -8.82 0.00
C ALA A 301 -12.21 -10.07 0.87
N LEU A 302 -11.09 -10.56 1.42
CA LEU A 302 -11.14 -11.77 2.24
C LEU A 302 -11.98 -11.54 3.50
N GLY A 303 -11.89 -10.33 4.08
CA GLY A 303 -12.60 -10.03 5.31
C GLY A 303 -14.11 -10.04 5.14
N ILE A 304 -14.61 -9.35 4.10
CA ILE A 304 -16.07 -9.29 3.92
C ILE A 304 -16.62 -10.70 3.71
N ALA A 305 -15.87 -11.55 2.99
CA ALA A 305 -16.30 -12.92 2.80
C ALA A 305 -16.18 -13.71 4.09
N ASP A 306 -15.06 -13.57 4.78
CA ASP A 306 -14.78 -14.38 5.95
C ASP A 306 -15.80 -14.16 7.06
N VAL A 307 -16.16 -12.90 7.36
CA VAL A 307 -17.07 -12.63 8.46
C VAL A 307 -18.48 -13.10 8.17
N ASN A 308 -18.77 -13.43 6.91
CA ASN A 308 -20.11 -13.85 6.50
C ASN A 308 -20.18 -15.31 6.07
N GLY A 309 -19.15 -16.10 6.38
CA GLY A 309 -19.17 -17.53 6.18
C GLY A 309 -18.64 -18.03 4.85
N PHE A 310 -18.04 -17.17 4.03
CA PHE A 310 -17.62 -17.53 2.67
C PHE A 310 -16.10 -17.68 2.51
N ARG A 311 -15.35 -17.84 3.61
CA ARG A 311 -13.90 -17.99 3.47
C ARG A 311 -13.53 -19.13 2.51
N ASN A 312 -14.23 -20.25 2.61
CA ASN A 312 -14.00 -21.44 1.80
C ASN A 312 -14.20 -21.24 0.31
N GLU A 313 -14.79 -20.12 -0.12
CA GLU A 313 -14.90 -19.85 -1.55
C GLU A 313 -13.59 -19.34 -2.15
N PHE A 314 -12.67 -18.90 -1.31
CA PHE A 314 -11.33 -18.50 -1.77
C PHE A 314 -10.43 -19.71 -1.92
N PRO A 315 -9.72 -19.86 -3.03
CA PRO A 315 -8.75 -20.97 -3.16
C PRO A 315 -7.66 -20.85 -2.10
N GLN A 316 -7.18 -22.02 -1.66
CA GLN A 316 -6.12 -22.07 -0.66
C GLN A 316 -4.88 -21.28 -1.08
N GLU A 317 -4.52 -21.33 -2.37
CA GLU A 317 -3.35 -20.58 -2.85
C GLU A 317 -3.50 -19.09 -2.58
N TYR A 318 -4.72 -18.55 -2.62
CA TYR A 318 -4.91 -17.14 -2.35
C TYR A 318 -4.60 -16.83 -0.88
N LEU A 319 -5.19 -17.62 0.02
CA LEU A 319 -4.91 -17.46 1.45
C LEU A 319 -3.42 -17.50 1.74
N ASP A 320 -2.74 -18.51 1.19
CA ASP A 320 -1.32 -18.67 1.42
C ASP A 320 -0.53 -17.48 0.88
N THR A 321 -0.89 -17.00 -0.30
CA THR A 321 -0.14 -15.89 -0.91
C THR A 321 -0.30 -14.62 -0.10
N ILE A 322 -1.52 -14.31 0.34
CA ILE A 322 -1.73 -13.13 1.17
C ILE A 322 -0.94 -13.25 2.47
N GLU A 323 -0.94 -14.43 3.06
CA GLU A 323 -0.18 -14.62 4.30
C GLU A 323 1.33 -14.39 4.05
N MET A 325 2.58 -12.33 1.79
CA MET A 325 2.74 -10.90 1.60
C MET A 325 2.82 -10.20 2.95
N ILE A 326 2.05 -10.67 3.92
CA ILE A 326 2.07 -10.06 5.24
C ILE A 326 3.42 -10.35 5.93
N MET A 327 3.87 -11.60 5.87
CA MET A 327 5.15 -11.95 6.46
C MET A 327 6.29 -11.20 5.77
N PHE A 328 6.22 -11.02 4.46
CA PHE A 328 7.20 -10.17 3.76
C PHE A 328 7.22 -8.77 4.36
N TYR A 329 6.03 -8.18 4.53
CA TYR A 329 5.98 -6.83 5.07
C TYR A 329 6.48 -6.77 6.51
N ALA A 330 6.11 -7.77 7.33
CA ALA A 330 6.60 -7.80 8.71
C ALA A 330 8.12 -7.85 8.76
N ASN A 331 8.73 -8.56 7.79
CA ASN A 331 10.17 -8.74 7.80
C ASN A 331 10.92 -7.49 7.39
N ILE A 332 10.42 -6.75 6.39
CA ILE A 332 11.17 -5.58 5.94
C ILE A 332 10.86 -4.34 6.78
N SER A 333 9.85 -4.41 7.67
CA SER A 333 9.56 -3.36 8.63
C SER A 333 10.54 -3.39 9.79
N PHE A 334 10.70 -2.23 10.42
CA PHE A 334 11.53 -2.06 11.62
C PHE A 334 10.70 -2.32 12.87
N PRO A 335 11.36 -2.49 14.03
CA PRO A 335 10.61 -2.90 15.23
C PRO A 335 9.64 -1.84 15.74
N ASP A 336 9.74 -0.59 15.29
CA ASP A 336 8.76 0.43 15.63
C ASP A 336 7.60 0.49 14.63
N TYR A 337 7.46 -0.57 13.83
CA TYR A 337 6.42 -0.77 12.83
C TYR A 337 6.55 0.14 11.62
N THR A 338 7.67 0.88 11.46
CA THR A 338 7.83 1.69 10.27
C THR A 338 8.48 0.88 9.14
N ASN A 339 8.32 1.36 7.92
CA ASN A 339 8.86 0.70 6.75
C ASN A 339 10.00 1.51 6.17
N PRO A 340 10.91 0.88 5.44
CA PRO A 340 11.92 1.65 4.70
C PRO A 340 11.26 2.40 3.57
N CYS A 341 11.79 3.59 3.29
CA CYS A 341 11.24 4.47 2.26
C CYS A 341 11.88 4.25 0.89
N PHE A 342 11.97 2.98 0.49
CA PHE A 342 12.37 2.62 -0.86
C PHE A 342 11.31 3.06 -1.87
N SER A 343 11.74 3.29 -3.11
CA SER A 343 10.82 3.52 -4.25
C SER A 343 9.95 4.75 -3.96
N ASP A 344 8.63 4.67 -4.08
CA ASP A 344 7.75 5.79 -3.80
C ASP A 344 7.10 5.70 -2.43
N ALA A 345 7.68 4.92 -1.52
CA ALA A 345 7.05 4.64 -0.23
C ALA A 345 7.30 5.77 0.78
N LYS A 346 6.22 6.29 1.35
CA LYS A 346 6.29 7.08 2.57
C LYS A 346 6.28 6.13 3.78
N ILE A 347 6.47 6.68 4.98
CA ILE A 347 6.36 5.85 6.17
C ILE A 347 4.88 5.71 6.53
N THR A 348 4.43 4.47 6.69
CA THR A 348 3.16 4.20 7.37
C THR A 348 3.46 3.98 8.87
N GLU A 349 2.85 4.80 9.71
CA GLU A 349 3.26 4.81 11.14
C GLU A 349 2.62 3.69 11.98
N LYS A 351 0.53 3.42 14.56
CA LYS A 351 -0.89 3.36 14.87
C LYS A 351 -1.67 2.68 13.72
N GLU A 352 -1.36 3.08 12.49
CA GLU A 352 -2.01 2.46 11.35
C GLU A 352 -1.62 0.98 11.21
N MET A 353 -0.35 0.66 11.44
CA MET A 353 0.08 -0.73 11.31
C MET A 353 -0.53 -1.63 12.38
N LEU A 354 -0.71 -1.12 13.61
CA LEU A 354 -1.39 -1.92 14.63
C LEU A 354 -2.82 -2.22 14.22
N LYS A 355 -3.53 -1.23 13.66
CA LYS A 355 -4.87 -1.49 13.16
C LYS A 355 -4.83 -2.56 12.05
N ASN A 356 -3.81 -2.48 11.18
CA ASN A 356 -3.68 -3.48 10.11
C ASN A 356 -3.45 -4.86 10.69
N TYR A 357 -2.50 -5.00 11.63
CA TYR A 357 -2.20 -6.33 12.17
C TYR A 357 -3.39 -6.89 12.92
N ARG A 358 -4.14 -6.06 13.64
CA ARG A 358 -5.36 -6.55 14.29
C ARG A 358 -6.36 -7.11 13.29
N ALA A 359 -6.59 -6.41 12.18
CA ALA A 359 -7.49 -6.94 11.15
C ALA A 359 -6.92 -8.22 10.52
N TRP A 360 -5.62 -8.24 10.22
CA TRP A 360 -5.03 -9.41 9.57
C TRP A 360 -5.04 -10.61 10.51
N SER A 361 -4.92 -10.37 11.81
CA SER A 361 -4.89 -11.49 12.74
C SER A 361 -6.25 -12.18 12.81
N LYS A 362 -7.34 -11.43 12.62
CA LYS A 362 -8.65 -12.05 12.54
C LYS A 362 -8.77 -12.94 11.32
N LEU A 363 -8.11 -12.57 10.21
CA LEU A 363 -8.17 -13.34 8.98
C LEU A 363 -7.28 -14.58 9.02
N PHE A 364 -6.14 -14.52 9.73
CA PHE A 364 -5.22 -15.64 9.84
C PHE A 364 -5.00 -15.95 11.32
N PRO A 365 -6.01 -16.49 12.00
CA PRO A 365 -5.89 -16.60 13.47
C PRO A 365 -4.90 -17.65 13.94
N ASN A 367 -1.87 -17.81 12.58
CA ASN A 367 -0.52 -17.25 12.42
C ASN A 367 -0.07 -16.56 13.72
N GLU A 368 0.87 -17.19 14.42
N GLU A 368 0.86 -17.23 14.40
CA GLU A 368 1.34 -16.69 15.71
CA GLU A 368 1.42 -16.75 15.67
C GLU A 368 2.17 -15.41 15.61
C GLU A 368 2.03 -15.35 15.53
N THR A 369 2.78 -15.12 14.45
CA THR A 369 3.53 -13.88 14.35
C THR A 369 2.63 -12.70 14.03
N ILE A 370 1.59 -12.91 13.25
CA ILE A 370 0.67 -11.82 13.00
C ILE A 370 0.00 -11.46 14.32
N TYR A 372 1.32 -11.88 17.41
CA TYR A 372 2.33 -11.16 18.19
C TYR A 372 2.40 -9.68 17.80
N LEU A 373 2.49 -9.42 16.49
CA LEU A 373 2.56 -8.05 16.01
C LEU A 373 1.25 -7.31 16.30
N ALA A 374 0.10 -7.97 16.18
CA ALA A 374 -1.15 -7.29 16.49
C ALA A 374 -1.23 -6.87 17.94
N THR A 375 -0.68 -7.66 18.86
CA THR A 375 -0.76 -7.44 20.29
C THR A 375 0.52 -6.89 20.90
N ASP A 376 1.50 -6.48 20.07
CA ASP A 376 2.80 -5.99 20.54
C ASP A 376 3.41 -6.97 21.53
N GLY A 377 3.31 -8.25 21.22
CA GLY A 377 3.95 -9.27 22.02
C GLY A 377 3.18 -9.84 23.22
N GLU A 379 0.57 -11.67 23.10
CA GLU A 379 0.12 -13.01 22.72
C GLU A 379 0.91 -13.42 21.48
N GLY A 380 0.84 -14.68 21.07
CA GLY A 380 1.54 -15.05 19.83
C GLY A 380 3.02 -15.32 20.02
N ALA A 381 3.71 -15.49 18.89
CA ALA A 381 5.14 -15.76 18.96
C ALA A 381 5.82 -15.25 17.70
N LEU A 382 7.06 -14.82 17.85
CA LEU A 382 7.85 -14.34 16.72
C LEU A 382 8.30 -15.53 15.87
N PRO A 383 8.79 -15.31 14.65
CA PRO A 383 9.30 -16.43 13.85
C PRO A 383 10.53 -17.07 14.48
N ASP A 384 10.82 -18.30 14.08
N ASP A 384 10.74 -18.33 14.09
CA ASP A 384 11.98 -18.95 14.70
CA ASP A 384 11.93 -19.08 14.48
C ASP A 384 13.31 -18.42 14.16
C ASP A 384 13.09 -18.80 13.55
N TYR A 385 13.28 -17.53 13.19
CA TYR A 385 14.47 -17.07 12.47
C TYR A 385 14.69 -15.60 12.80
N MET A 386 15.88 -15.11 12.45
CA MET A 386 16.18 -13.69 12.66
C MET A 386 16.39 -13.06 11.29
N SER A 387 17.61 -13.01 10.81
CA SER A 387 17.83 -12.54 9.44
C SER A 387 17.06 -13.38 8.42
N GLY A 389 15.90 -13.60 3.99
CA GLY A 389 16.11 -13.09 2.64
C GLY A 389 14.93 -13.45 1.75
N PHE A 390 14.70 -12.61 0.75
CA PHE A 390 13.62 -12.77 -0.23
C PHE A 390 14.30 -12.74 -1.60
N LEU A 391 14.60 -13.93 -2.11
CA LEU A 391 15.53 -14.02 -3.25
C LEU A 391 14.88 -13.71 -4.59
N LYS A 392 13.56 -13.82 -4.69
CA LYS A 392 12.90 -13.43 -5.94
C LYS A 392 12.69 -11.93 -6.00
N SER A 393 12.21 -11.35 -4.90
CA SER A 393 11.89 -9.93 -4.82
C SER A 393 13.14 -9.08 -4.69
N GLY A 394 14.21 -9.64 -4.12
CA GLY A 394 15.48 -8.92 -3.97
C GLY A 394 15.50 -8.04 -2.74
N PHE A 395 15.06 -8.56 -1.59
CA PHE A 395 15.15 -7.82 -0.34
C PHE A 395 15.80 -8.72 0.70
N PHE A 396 16.72 -8.17 1.47
CA PHE A 396 17.51 -8.95 2.41
C PHE A 396 17.50 -8.23 3.74
N VAL A 397 17.19 -8.97 4.80
CA VAL A 397 17.06 -8.37 6.13
C VAL A 397 18.05 -9.03 7.07
N PHE A 398 18.95 -8.23 7.63
CA PHE A 398 19.82 -8.63 8.73
C PHE A 398 19.19 -8.09 10.00
N ARG A 399 19.06 -8.95 11.02
CA ARG A 399 18.56 -8.46 12.30
C ARG A 399 19.15 -9.31 13.42
N ASN A 400 19.42 -8.67 14.56
CA ASN A 400 19.82 -9.39 15.76
C ASN A 400 18.70 -9.53 16.76
N SER A 401 17.52 -8.99 16.46
CA SER A 401 16.38 -8.97 17.38
C SER A 401 15.17 -8.47 16.60
N TRP A 402 13.98 -8.87 17.05
CA TRP A 402 12.75 -8.32 16.51
C TRP A 402 12.27 -7.10 17.30
N GLY A 403 12.89 -6.83 18.46
CA GLY A 403 12.37 -5.84 19.38
C GLY A 403 13.01 -4.46 19.23
N MET A 404 12.61 -3.57 20.14
CA MET A 404 13.00 -2.16 20.01
C MET A 404 14.50 -1.94 20.24
N ASP A 405 15.22 -2.94 20.73
CA ASP A 405 16.68 -2.87 20.93
C ASP A 405 17.46 -3.34 19.73
N ALA A 406 16.77 -3.67 18.63
CA ALA A 406 17.41 -4.35 17.51
C ALA A 406 18.40 -3.48 16.74
N THR A 407 19.36 -4.16 16.12
CA THR A 407 20.09 -3.65 14.98
C THR A 407 19.53 -4.35 13.76
N GLN A 408 19.17 -3.59 12.72
CA GLN A 408 18.52 -4.18 11.55
C GLN A 408 18.91 -3.41 10.30
N MET A 409 19.23 -4.15 9.25
CA MET A 409 19.47 -3.55 7.95
C MET A 409 18.56 -4.25 6.95
N VAL A 410 17.95 -3.47 6.04
CA VAL A 410 17.20 -3.99 4.91
C VAL A 410 17.91 -3.53 3.64
N VAL A 411 18.35 -4.48 2.83
CA VAL A 411 19.08 -4.18 1.59
C VAL A 411 18.12 -4.42 0.44
N LYS A 412 18.07 -3.49 -0.50
CA LYS A 412 17.25 -3.63 -1.71
C LYS A 412 18.20 -3.90 -2.87
N ALA A 413 18.12 -5.10 -3.45
CA ALA A 413 18.97 -5.44 -4.60
C ALA A 413 18.25 -6.51 -5.40
N GLY A 414 17.38 -6.09 -6.34
CA GLY A 414 16.43 -7.00 -6.95
C GLY A 414 16.35 -6.89 -8.47
N PRO A 415 15.30 -7.47 -9.03
CA PRO A 415 15.09 -7.42 -10.48
C PRO A 415 14.47 -6.09 -10.88
N LYS A 416 14.37 -5.89 -12.19
CA LYS A 416 13.80 -4.65 -12.68
C LYS A 416 12.38 -4.46 -12.14
N GLY A 417 12.07 -3.23 -11.75
CA GLY A 417 10.73 -2.85 -11.34
C GLY A 417 9.99 -2.08 -12.41
N PHE A 418 9.13 -1.16 -11.97
CA PHE A 418 8.26 -0.44 -12.89
C PHE A 418 8.27 1.05 -12.56
N TRP A 419 7.11 1.70 -12.50
CA TRP A 419 7.06 3.15 -12.32
C TRP A 419 7.67 3.58 -10.98
N HIS A 420 7.26 2.92 -9.90
CA HIS A 420 7.63 3.39 -8.56
C HIS A 420 9.07 3.09 -8.22
N CYS A 421 9.57 1.94 -8.65
CA CYS A 421 10.93 1.54 -8.37
C CYS A 421 11.93 2.58 -8.90
N GLN A 422 12.96 2.85 -8.13
CA GLN A 422 14.02 3.79 -8.49
C GLN A 422 15.31 3.03 -8.79
N PRO A 423 16.24 3.63 -9.57
CA PRO A 423 17.54 2.96 -9.82
C PRO A 423 18.47 2.98 -8.61
N ASP A 424 18.21 2.11 -7.62
CA ASP A 424 18.90 2.20 -6.34
C ASP A 424 19.52 0.87 -5.91
N ASN A 425 19.75 -0.05 -6.83
CA ASN A 425 20.16 -1.41 -6.48
C ASN A 425 21.41 -1.40 -5.62
N GLY A 426 21.35 -2.13 -4.50
CA GLY A 426 22.41 -2.19 -3.51
C GLY A 426 22.15 -1.32 -2.30
N THR A 427 21.21 -0.39 -2.39
CA THR A 427 21.01 0.53 -1.28
C THR A 427 20.39 -0.20 -0.10
N PHE A 428 20.41 0.46 1.06
CA PHE A 428 19.89 -0.14 2.29
C PHE A 428 19.35 0.98 3.19
N GLU A 429 18.53 0.58 4.16
CA GLU A 429 18.30 1.39 5.35
C GLU A 429 18.80 0.60 6.55
N MET A 430 19.16 1.31 7.61
N MET A 430 19.17 1.31 7.60
CA MET A 430 19.65 0.67 8.81
CA MET A 430 19.69 0.70 8.82
C MET A 430 19.06 1.37 10.02
C MET A 430 19.02 1.37 10.01
N TRP A 431 18.62 0.57 10.99
CA TRP A 431 17.86 1.03 12.16
C TRP A 431 18.50 0.45 13.38
N PHE A 432 18.65 1.25 14.43
CA PHE A 432 19.35 0.77 15.63
C PHE A 432 18.71 1.38 16.85
N ASN A 433 18.22 0.50 17.75
CA ASN A 433 17.80 0.88 19.09
C ASN A 433 16.90 2.12 19.07
N GLY A 434 15.88 2.10 18.21
CA GLY A 434 14.85 3.12 18.23
C GLY A 434 14.96 4.18 17.15
N LYS A 435 16.06 4.22 16.38
CA LYS A 435 16.24 5.29 15.39
C LYS A 435 16.73 4.74 14.07
N ASN A 436 16.18 5.27 12.97
CA ASN A 436 16.66 4.92 11.63
C ASN A 436 17.91 5.76 11.36
N LEU A 437 19.05 5.11 11.28
CA LEU A 437 20.30 5.85 11.10
C LEU A 437 20.67 6.03 9.64
N PHE A 438 20.08 5.28 8.72
CA PHE A 438 20.35 5.46 7.29
C PHE A 438 19.03 5.48 6.55
N PRO A 439 18.28 6.58 6.62
CA PRO A 439 16.98 6.65 5.93
C PRO A 439 17.17 6.92 4.44
N ASP A 440 16.24 6.40 3.66
CA ASP A 440 16.25 6.65 2.21
C ASP A 440 15.98 8.13 1.92
N SER A 441 16.47 8.62 0.76
CA SER A 441 16.08 9.97 0.36
C SER A 441 14.55 10.06 0.14
N GLY A 442 13.90 8.93 -0.15
CA GLY A 442 12.46 8.89 -0.21
C GLY A 442 11.89 9.40 -1.53
N SER A 443 10.57 9.55 -1.52
CA SER A 443 9.78 9.89 -2.70
C SER A 443 9.69 11.40 -2.90
N TYR A 444 9.16 12.10 -1.89
CA TYR A 444 8.98 13.55 -1.83
C TYR A 444 7.91 14.08 -2.76
N VAL A 445 8.11 13.99 -4.07
CA VAL A 445 7.12 14.41 -5.05
C VAL A 445 6.55 13.16 -5.70
N TYR A 446 5.26 12.92 -5.48
CA TYR A 446 4.62 11.74 -6.03
C TYR A 446 4.21 11.95 -7.49
N ALA A 447 3.77 13.15 -7.83
CA ALA A 447 3.32 13.43 -9.17
C ALA A 447 3.28 14.95 -9.35
N GLY A 448 3.58 15.41 -10.56
CA GLY A 448 3.55 16.83 -10.82
C GLY A 448 4.11 17.15 -12.20
N GLU A 449 4.23 18.46 -12.44
CA GLU A 449 4.81 18.98 -13.66
C GLU A 449 5.70 20.17 -13.31
N GLY A 450 6.78 20.33 -14.08
CA GLY A 450 7.61 21.51 -13.97
C GLY A 450 8.62 21.40 -12.85
N GLU A 451 8.69 22.43 -12.00
CA GLU A 451 9.69 22.45 -10.93
C GLU A 451 9.55 21.24 -10.01
N VAL A 452 8.31 20.85 -9.69
CA VAL A 452 8.15 19.69 -8.80
C VAL A 452 8.61 18.42 -9.49
N MET A 453 8.44 18.33 -10.81
CA MET A 453 8.95 17.15 -11.52
C MET A 453 10.47 17.07 -11.44
N GLU A 454 11.16 18.23 -11.45
CA GLU A 454 12.61 18.23 -11.23
C GLU A 454 12.96 17.70 -9.85
N GLN A 455 12.10 17.96 -8.86
CA GLN A 455 12.39 17.49 -7.52
C GLN A 455 12.07 16.01 -7.38
N ARG A 456 11.03 15.53 -8.07
CA ARG A 456 10.79 14.09 -8.08
C ARG A 456 11.99 13.35 -8.66
N ASN A 457 12.51 13.82 -9.80
CA ASN A 457 13.66 13.15 -10.40
C ASN A 457 14.93 13.27 -9.55
N TRP A 458 15.12 14.39 -8.85
CA TRP A 458 16.24 14.47 -7.90
C TRP A 458 16.24 13.28 -6.95
N HIS A 459 15.06 12.96 -6.38
CA HIS A 459 14.99 11.91 -5.37
C HIS A 459 15.12 10.52 -5.97
N ARG A 460 14.93 10.38 -7.28
CA ARG A 460 15.10 9.11 -7.98
C ARG A 460 16.55 8.82 -8.35
N GLN A 461 17.45 9.79 -8.21
CA GLN A 461 18.83 9.58 -8.66
C GLN A 461 19.53 8.43 -7.92
N THR A 462 20.28 7.62 -8.68
CA THR A 462 21.10 6.60 -8.03
C THR A 462 22.05 7.22 -7.01
N SER A 463 22.56 8.43 -7.31
CA SER A 463 23.57 9.06 -6.47
C SER A 463 23.02 9.61 -5.15
N VAL A 464 21.70 9.60 -4.94
CA VAL A 464 21.16 9.99 -3.65
C VAL A 464 20.73 8.76 -2.84
N HIS A 465 21.31 7.60 -3.14
CA HIS A 465 21.11 6.34 -2.41
C HIS A 465 22.45 5.81 -1.89
N ASN A 466 22.38 4.71 -1.13
CA ASN A 466 23.56 4.08 -0.54
C ASN A 466 24.07 3.00 -1.49
N THR A 467 24.70 3.43 -2.57
CA THR A 467 25.26 2.45 -3.50
C THR A 467 26.32 3.14 -4.35
N VAL A 468 26.73 2.51 -5.45
CA VAL A 468 27.90 2.92 -6.22
C VAL A 468 27.46 3.42 -7.59
N THR A 469 28.00 4.57 -8.02
CA THR A 469 27.74 5.08 -9.36
C THR A 469 29.06 5.21 -10.12
N LEU A 470 28.92 5.40 -11.42
CA LEU A 470 30.00 5.81 -12.30
C LEU A 470 29.69 7.23 -12.78
N ASP A 471 30.56 8.18 -12.43
CA ASP A 471 30.36 9.59 -12.73
C ASP A 471 28.99 10.08 -12.28
N ASN A 472 28.53 9.57 -11.14
CA ASN A 472 27.24 9.95 -10.55
C ASN A 472 26.00 9.72 -11.45
N ASN A 474 22.79 7.78 -13.19
CA ASN A 474 21.77 6.78 -12.83
C ASN A 474 22.14 5.43 -13.44
N LEU A 475 21.89 4.34 -12.72
CA LEU A 475 22.18 3.02 -13.26
C LEU A 475 21.52 2.85 -14.63
N GLU A 476 22.30 2.31 -15.56
CA GLU A 476 21.76 1.94 -16.87
C GLU A 476 20.96 0.64 -16.81
N THR A 477 21.36 -0.28 -15.94
CA THR A 477 20.67 -1.56 -15.78
C THR A 477 20.38 -1.75 -14.31
N THR A 478 19.17 -2.22 -14.00
CA THR A 478 18.73 -2.52 -12.63
C THR A 478 18.29 -3.99 -12.64
N GLU A 479 19.22 -4.90 -12.36
CA GLU A 479 18.92 -6.33 -12.43
C GLU A 479 19.96 -7.08 -11.62
N SER A 480 19.80 -7.01 -10.31
CA SER A 480 20.73 -7.61 -9.36
C SER A 480 20.69 -9.12 -9.42
N VAL A 481 21.88 -9.72 -9.26
CA VAL A 481 22.01 -11.16 -9.10
C VAL A 481 22.50 -11.46 -7.68
N THR A 482 21.85 -12.39 -6.99
CA THR A 482 22.32 -12.76 -5.66
C THR A 482 23.35 -13.87 -5.76
N LEU A 484 25.37 -14.97 -3.16
CA LEU A 484 25.47 -15.66 -1.88
C LEU A 484 24.54 -15.02 -0.91
N TRP A 485 23.78 -15.83 -0.18
CA TRP A 485 22.98 -15.32 0.94
C TRP A 485 23.10 -16.30 2.08
N GLN A 486 23.61 -15.85 3.21
CA GLN A 486 23.98 -16.72 4.31
C GLN A 486 23.50 -16.04 5.58
N PRO A 487 22.28 -16.34 6.02
CA PRO A 487 21.67 -15.57 7.12
C PRO A 487 21.99 -16.02 8.52
N GLU A 488 22.73 -17.11 8.75
CA GLU A 488 22.95 -17.59 10.11
C GLU A 488 24.34 -17.30 10.66
N GLY A 489 24.42 -17.09 11.97
CA GLY A 489 25.67 -17.20 12.70
C GLY A 489 26.26 -15.85 13.11
N ASN A 490 27.49 -15.92 13.64
CA ASN A 490 28.21 -14.72 14.05
C ASN A 490 28.84 -13.98 12.87
N ILE A 491 28.80 -14.56 11.66
CA ILE A 491 29.09 -13.85 10.43
C ILE A 491 28.00 -14.19 9.42
N GLN A 492 27.23 -13.18 9.01
CA GLN A 492 26.16 -13.35 8.03
C GLN A 492 26.54 -12.53 6.80
N THR A 493 26.25 -13.08 5.61
CA THR A 493 26.79 -12.48 4.39
C THR A 493 25.75 -12.38 3.30
N LEU A 494 25.71 -11.23 2.63
CA LEU A 494 25.02 -11.07 1.36
C LEU A 494 26.04 -10.69 0.30
N VAL A 495 26.00 -11.34 -0.86
CA VAL A 495 26.81 -10.91 -2.01
C VAL A 495 25.87 -10.74 -3.18
N THR A 496 25.80 -9.52 -3.70
CA THR A 496 24.92 -9.18 -4.81
C THR A 496 25.72 -8.43 -5.88
N GLU A 497 25.38 -8.68 -7.14
CA GLU A 497 26.10 -8.09 -8.27
C GLU A 497 25.11 -7.50 -9.26
N ASN A 498 25.41 -6.28 -9.73
CA ASN A 498 24.57 -5.60 -10.71
C ASN A 498 25.45 -5.11 -11.84
N PRO A 499 25.07 -5.40 -13.14
CA PRO A 499 25.80 -4.82 -14.29
C PRO A 499 25.34 -3.39 -14.55
N SER A 500 25.76 -2.49 -13.66
CA SER A 500 25.19 -1.14 -13.57
C SER A 500 25.38 -0.32 -14.85
N TYR A 501 26.52 -0.48 -15.54
CA TYR A 501 26.75 0.23 -16.79
C TYR A 501 27.49 -0.69 -17.75
N LYS A 502 27.49 -0.33 -19.03
CA LYS A 502 28.28 -1.05 -20.00
C LYS A 502 29.72 -1.21 -19.52
N ASN A 503 30.19 -2.45 -19.50
CA ASN A 503 31.57 -2.80 -19.11
C ASN A 503 31.86 -2.45 -17.65
N PHE A 504 30.87 -2.64 -16.79
CA PHE A 504 30.96 -2.24 -15.39
C PHE A 504 30.11 -3.19 -14.57
N LYS A 505 30.71 -3.90 -13.61
CA LYS A 505 29.97 -4.76 -12.70
C LYS A 505 30.26 -4.31 -11.28
N HIS A 506 29.21 -4.12 -10.49
CA HIS A 506 29.36 -3.70 -9.09
C HIS A 506 29.00 -4.89 -8.21
N ARG A 507 29.98 -5.44 -7.50
CA ARG A 507 29.73 -6.48 -6.52
CA ARG A 507 29.76 -6.49 -6.53
C ARG A 507 29.75 -5.86 -5.13
N ARG A 508 28.64 -6.01 -4.43
CA ARG A 508 28.53 -5.53 -3.05
C ARG A 508 28.42 -6.72 -2.13
N SER A 509 29.31 -6.79 -1.16
CA SER A 509 29.28 -7.81 -0.11
C SER A 509 28.96 -7.14 1.20
N VAL A 510 27.90 -7.59 1.87
CA VAL A 510 27.53 -7.08 3.19
C VAL A 510 27.78 -8.19 4.20
N PHE A 511 28.62 -7.91 5.20
CA PHE A 511 28.82 -8.80 6.35
C PHE A 511 28.11 -8.19 7.56
N PHE A 512 27.28 -8.98 8.24
CA PHE A 512 26.74 -8.61 9.54
C PHE A 512 27.55 -9.41 10.54
N VAL A 513 28.36 -8.73 11.35
CA VAL A 513 29.41 -9.37 12.14
C VAL A 513 29.01 -9.38 13.61
N ASP A 514 29.08 -10.56 14.22
CA ASP A 514 28.83 -10.75 15.65
C ASP A 514 27.48 -10.18 16.11
N ASN A 515 26.48 -10.20 15.22
CA ASN A 515 25.15 -9.60 15.51
C ASN A 515 25.26 -8.16 16.01
N THR A 516 26.31 -7.45 15.59
CA THR A 516 26.65 -6.14 16.13
C THR A 516 26.84 -5.08 15.05
N TYR A 517 27.71 -5.32 14.04
CA TYR A 517 28.07 -4.24 13.14
C TYR A 517 28.15 -4.75 11.70
N PHE A 518 28.30 -3.82 10.78
CA PHE A 518 28.33 -4.15 9.35
C PHE A 518 29.66 -3.80 8.72
N VAL A 519 30.05 -4.62 7.74
CA VAL A 519 31.20 -4.34 6.88
C VAL A 519 30.69 -4.50 5.45
N ILE A 520 30.75 -3.41 4.68
CA ILE A 520 30.29 -3.38 3.29
C ILE A 520 31.51 -3.31 2.37
N VAL A 521 31.69 -4.32 1.53
CA VAL A 521 32.80 -4.35 0.57
C VAL A 521 32.22 -4.06 -0.80
N ASP A 522 32.71 -3.02 -1.46
CA ASP A 522 32.26 -2.70 -2.81
C ASP A 522 33.40 -2.89 -3.79
N GLU A 523 33.16 -3.73 -4.80
CA GLU A 523 34.19 -4.04 -5.79
C GLU A 523 33.62 -3.83 -7.18
N VAL A 524 34.23 -2.92 -7.93
CA VAL A 524 33.81 -2.56 -9.28
C VAL A 524 34.82 -3.13 -10.28
N SER A 525 34.34 -3.93 -11.23
CA SER A 525 35.20 -4.53 -12.24
C SER A 525 34.65 -4.27 -13.64
N GLY A 526 35.48 -4.53 -14.63
CA GLY A 526 35.16 -4.21 -16.01
C GLY A 526 36.16 -3.23 -16.59
N SER A 527 36.01 -3.01 -17.89
CA SER A 527 36.91 -2.12 -18.62
C SER A 527 36.47 -0.66 -18.57
N ALA A 528 35.28 -0.37 -18.05
CA ALA A 528 34.77 1.00 -18.04
C ALA A 528 35.69 1.92 -17.24
N GLY A 530 36.20 5.93 -15.48
CA GLY A 530 35.58 7.16 -15.05
C GLY A 530 35.77 7.31 -13.56
N SER A 531 34.96 8.15 -12.91
CA SER A 531 35.05 8.35 -11.47
C SER A 531 34.07 7.41 -10.75
N VAL A 532 34.59 6.44 -10.01
CA VAL A 532 33.74 5.55 -9.22
C VAL A 532 33.33 6.26 -7.94
N ASN A 533 32.02 6.31 -7.66
CA ASN A 533 31.50 7.04 -6.51
C ASN A 533 30.76 6.09 -5.60
N LEU A 534 31.26 5.94 -4.39
CA LEU A 534 30.56 5.18 -3.35
C LEU A 534 29.80 6.17 -2.48
N HIS A 535 28.46 6.12 -2.54
CA HIS A 535 27.62 7.10 -1.85
C HIS A 535 27.03 6.56 -0.55
N TYR A 536 27.02 7.40 0.47
CA TYR A 536 26.26 7.15 1.68
C TYR A 536 25.44 8.37 2.01
N GLN A 537 24.15 8.18 2.30
CA GLN A 537 23.27 9.29 2.64
C GLN A 537 23.12 9.30 4.16
N MET A 538 23.64 10.36 4.82
CA MET A 538 23.77 10.40 6.27
C MET A 538 22.42 10.69 6.96
N PRO A 539 22.26 10.28 8.21
CA PRO A 539 21.07 10.71 8.96
C PRO A 539 21.15 12.21 9.23
N LYS A 540 19.99 12.80 9.52
CA LYS A 540 19.93 14.22 9.84
C LYS A 540 20.53 14.49 11.23
N GLY A 541 21.18 15.64 11.36
CA GLY A 541 21.68 16.12 12.64
C GLY A 541 23.17 16.39 12.61
N GLU A 542 23.73 16.57 13.81
CA GLU A 542 25.13 16.89 13.96
C GLU A 542 25.98 15.63 13.82
N ILE A 543 26.92 15.65 12.87
CA ILE A 543 27.80 14.54 12.57
C ILE A 543 29.22 15.08 12.46
N ALA A 544 30.13 14.53 13.27
CA ALA A 544 31.55 14.87 13.22
C ALA A 544 32.22 14.06 12.12
N ASN A 545 33.17 14.66 11.41
CA ASN A 545 33.89 13.85 10.43
C ASN A 545 35.36 14.26 10.42
N SER A 546 36.19 13.34 9.94
CA SER A 546 37.61 13.57 9.72
C SER A 546 37.91 13.19 8.27
N ARG A 547 38.32 14.18 7.48
CA ARG A 547 38.76 13.88 6.13
C ARG A 547 40.00 13.00 6.15
N GLU A 548 40.89 13.21 7.14
CA GLU A 548 42.12 12.44 7.24
C GLU A 548 41.84 10.96 7.37
N ASP A 549 40.86 10.59 8.20
CA ASP A 549 40.58 9.21 8.54
C ASP A 549 39.42 8.63 7.74
N MET A 550 38.72 9.46 6.95
CA MET A 550 37.50 9.06 6.24
C MET A 550 36.45 8.50 7.19
N THR A 551 36.31 9.14 8.36
CA THR A 551 35.35 8.73 9.38
C THR A 551 34.21 9.73 9.50
N PHE A 552 33.03 9.22 9.89
CA PHE A 552 31.87 10.02 10.25
C PHE A 552 31.31 9.44 11.54
N LEU A 553 30.97 10.29 12.51
CA LEU A 553 30.49 9.83 13.81
C LEU A 553 29.31 10.69 14.22
N THR A 554 28.12 10.07 14.34
CA THR A 554 26.96 10.87 14.71
C THR A 554 27.16 11.44 16.10
N GLN A 555 26.55 12.59 16.36
CA GLN A 555 26.62 13.25 17.65
C GLN A 555 25.21 13.44 18.21
N PHE A 556 24.44 12.36 18.26
CA PHE A 556 23.04 12.40 18.63
C PHE A 556 22.89 12.13 20.12
N GLU A 557 21.67 12.28 20.61
CA GLU A 557 21.39 11.97 22.01
C GLU A 557 21.72 10.51 22.28
N ASP A 558 22.03 10.22 23.54
CA ASP A 558 22.34 8.85 23.94
C ASP A 558 21.24 7.90 23.49
N GLY A 559 21.65 6.80 22.86
CA GLY A 559 20.69 5.76 22.58
C GLY A 559 20.86 5.16 21.21
N SER A 560 21.06 6.02 20.21
CA SER A 560 21.22 5.51 18.85
C SER A 560 22.20 6.39 18.10
N ASN A 561 23.40 5.87 17.89
CA ASN A 561 24.49 6.57 17.19
C ASN A 561 25.21 5.57 16.29
N MET A 562 26.07 6.09 15.41
CA MET A 562 26.95 5.21 14.63
C MET A 562 28.22 5.93 14.19
N LEU A 564 30.90 5.57 10.90
CA LEU A 564 31.14 4.99 9.58
C LEU A 564 32.59 5.32 9.18
N GLN A 565 33.30 4.35 8.61
CA GLN A 565 34.65 4.64 8.10
C GLN A 565 34.87 3.89 6.80
N CYS A 566 35.38 4.58 5.80
CA CYS A 566 35.62 4.00 4.49
C CYS A 566 37.12 3.85 4.25
N PHE A 567 37.53 2.68 3.79
CA PHE A 567 38.93 2.33 3.52
C PHE A 567 39.01 2.06 2.02
N GLY A 568 39.83 2.84 1.32
CA GLY A 568 39.91 2.73 -0.12
C GLY A 568 41.34 2.78 -0.61
N PRO A 569 41.53 2.80 -1.93
CA PRO A 569 42.89 2.85 -2.48
C PRO A 569 43.56 4.19 -2.24
N GLU A 570 44.87 4.22 -2.46
CA GLU A 570 45.58 5.48 -2.40
C GLU A 570 44.92 6.47 -3.35
N GLY A 571 44.76 7.71 -2.89
CA GLY A 571 44.17 8.73 -3.73
C GLY A 571 42.66 8.85 -3.67
N MET A 572 41.96 7.97 -2.95
CA MET A 572 40.53 8.16 -2.68
C MET A 572 40.26 9.53 -2.08
N SER A 573 39.22 10.18 -2.57
CA SER A 573 38.82 11.48 -2.08
C SER A 573 37.40 11.38 -1.58
N MET A 574 37.03 12.33 -0.73
CA MET A 574 35.70 12.35 -0.14
C MET A 574 35.05 13.68 -0.46
N LYS A 575 33.74 13.64 -0.70
CA LYS A 575 33.00 14.83 -1.04
C LYS A 575 31.69 14.82 -0.25
N GLU A 577 27.96 16.74 -0.11
CA GLU A 577 27.05 17.67 -0.79
C GLU A 577 25.76 17.70 0.00
N PRO A 578 25.01 18.79 -0.09
CA PRO A 578 23.65 18.79 0.49
C PRO A 578 22.81 17.67 -0.12
N GLY A 579 22.11 16.96 0.75
CA GLY A 579 21.15 15.97 0.30
C GLY A 579 19.83 16.16 1.01
N TRP A 580 18.92 15.19 0.86
CA TRP A 580 17.56 15.33 1.38
C TRP A 580 17.05 13.97 1.80
N CYS A 581 16.19 13.97 2.83
N CYS A 581 16.19 13.96 2.83
CA CYS A 581 15.48 12.78 3.25
CA CYS A 581 15.49 12.74 3.17
C CYS A 581 14.00 13.11 3.41
C CYS A 581 14.02 13.06 3.45
N SER A 582 13.14 12.25 2.89
CA SER A 582 11.70 12.47 2.94
C SER A 582 11.01 11.20 3.41
N THR A 583 10.20 11.31 4.46
CA THR A 583 9.42 10.20 4.97
C THR A 583 7.93 10.41 4.73
N ALA A 584 7.54 11.57 4.20
CA ALA A 584 6.16 11.93 3.96
C ALA A 584 6.13 12.82 2.72
N TYR A 585 5.06 12.70 1.93
CA TYR A 585 5.04 13.37 0.64
C TYR A 585 5.04 14.88 0.83
N ARG A 586 5.90 15.57 0.07
CA ARG A 586 6.06 17.02 0.09
C ARG A 586 6.67 17.51 1.40
N LYS A 587 7.31 16.63 2.15
CA LYS A 587 8.09 17.04 3.30
C LYS A 587 9.49 16.45 3.17
N ARG A 588 10.52 17.26 3.40
CA ARG A 588 11.87 16.71 3.40
C ARG A 588 12.77 17.57 4.27
N TYR A 589 13.90 16.98 4.65
N TYR A 589 13.88 16.98 4.72
CA TYR A 589 14.86 17.62 5.53
CA TYR A 589 14.84 17.72 5.52
C TYR A 589 16.27 17.47 4.96
C TYR A 589 16.26 17.45 5.03
N LYS A 590 17.13 18.43 5.28
CA LYS A 590 18.49 18.39 4.78
C LYS A 590 19.32 17.34 5.53
N ARG A 591 20.16 16.62 4.81
CA ARG A 591 21.18 15.77 5.39
C ARG A 591 22.29 15.60 4.37
N MET A 592 23.44 15.11 4.83
CA MET A 592 24.62 15.07 3.98
C MET A 592 24.59 13.90 3.01
N ASN A 593 24.94 14.15 1.74
CA ASN A 593 25.16 13.11 0.74
C ASN A 593 26.68 13.00 0.56
N VAL A 594 27.26 11.93 1.08
CA VAL A 594 28.72 11.75 1.12
C VAL A 594 29.11 10.79 0.00
N SER A 595 30.18 11.09 -0.71
CA SER A 595 30.67 10.14 -1.69
C SER A 595 32.16 9.92 -1.48
N PHE A 596 32.59 8.67 -1.66
CA PHE A 596 33.99 8.29 -1.64
C PHE A 596 34.33 7.92 -3.07
N ASN A 597 35.26 8.67 -3.66
CA ASN A 597 35.47 8.74 -5.10
C ASN A 597 36.88 8.30 -5.48
N VAL A 598 36.95 7.48 -6.53
CA VAL A 598 38.18 6.89 -7.02
C VAL A 598 38.24 7.04 -8.52
N LYS A 600 38.99 5.72 -11.86
CA LYS A 600 39.24 4.45 -12.53
C LYS A 600 39.71 4.74 -13.96
N ASP A 601 41.04 4.71 -14.16
CA ASP A 601 41.60 5.19 -15.42
C ASP A 601 42.18 4.04 -16.26
N ASN A 602 41.80 2.81 -15.98
CA ASN A 602 42.26 1.63 -16.70
C ASN A 602 41.38 0.46 -16.25
N GLU A 603 41.77 -0.76 -16.62
CA GLU A 603 40.89 -1.91 -16.41
C GLU A 603 40.98 -2.52 -15.02
N ASN A 604 41.82 -1.98 -14.12
CA ASN A 604 41.91 -2.57 -12.79
C ASN A 604 40.64 -2.29 -12.00
N ALA A 605 40.36 -3.17 -11.05
CA ALA A 605 39.15 -3.02 -10.27
C ALA A 605 39.32 -1.93 -9.22
N VAL A 606 38.22 -1.30 -8.84
CA VAL A 606 38.19 -0.34 -7.73
C VAL A 606 37.51 -1.02 -6.56
N ARG A 607 38.14 -0.96 -5.38
CA ARG A 607 37.62 -1.74 -4.24
C ARG A 607 37.60 -0.88 -2.97
N TYR A 608 36.49 -0.96 -2.23
CA TYR A 608 36.34 -0.26 -0.97
C TYR A 608 35.93 -1.22 0.14
N ILE A 609 36.28 -0.88 1.37
CA ILE A 609 35.70 -1.51 2.55
C ILE A 609 35.15 -0.41 3.44
N THR A 610 33.87 -0.53 3.82
CA THR A 610 33.24 0.43 4.72
C THR A 610 32.81 -0.30 5.98
N VAL A 611 33.15 0.27 7.14
CA VAL A 611 32.68 -0.27 8.40
C VAL A 611 31.58 0.64 8.90
N ILE A 612 30.45 0.06 9.32
CA ILE A 612 29.36 0.82 9.94
C ILE A 612 29.04 0.17 11.28
N TYR A 613 29.24 0.93 12.36
CA TYR A 613 29.20 0.38 13.71
C TYR A 613 28.22 1.17 14.56
N PRO A 614 27.04 0.62 14.87
CA PRO A 614 26.11 1.33 15.76
C PRO A 614 26.56 1.28 17.21
N VAL A 615 26.34 2.39 17.93
CA VAL A 615 26.62 2.45 19.37
C VAL A 615 25.57 3.32 20.03
N SER A 618 27.98 7.90 21.36
CA SER A 618 29.03 8.22 20.38
CA SER A 618 29.02 8.18 20.36
C SER A 618 30.45 8.02 20.89
N ALA A 619 30.65 8.34 22.19
CA ALA A 619 31.98 8.25 22.80
C ALA A 619 32.50 6.82 22.89
N ASP A 620 31.64 5.83 22.71
CA ASP A 620 32.02 4.42 22.78
C ASP A 620 32.35 3.83 21.42
N ALA A 621 32.27 4.63 20.35
CA ALA A 621 32.55 4.13 19.02
C ALA A 621 34.01 3.68 18.94
N PRO A 622 34.28 2.45 18.49
CA PRO A 622 35.61 1.85 18.42
C PRO A 622 36.47 2.45 17.32
N PHE A 624 38.73 1.55 13.99
CA PHE A 624 38.77 0.48 12.99
C PHE A 624 40.02 0.47 12.13
N ASP A 625 40.32 -0.70 11.59
CA ASP A 625 41.16 -0.82 10.42
C ASP A 625 40.50 -1.84 9.50
N ALA A 626 40.81 -1.78 8.21
CA ALA A 626 40.32 -2.78 7.26
C ALA A 626 41.31 -2.88 6.12
N LYS A 627 41.58 -4.12 5.70
CA LYS A 627 42.49 -4.39 4.59
C LYS A 627 41.98 -5.57 3.78
N PHE A 628 42.27 -5.55 2.48
CA PHE A 628 42.06 -6.71 1.63
C PHE A 628 43.23 -7.66 1.83
N LYS A 629 42.92 -8.94 2.06
CA LYS A 629 43.97 -9.95 2.03
C LYS A 629 44.37 -10.26 0.59
N ASN A 630 43.40 -10.47 -0.30
CA ASN A 630 43.69 -10.61 -1.72
C ASN A 630 43.85 -9.20 -2.31
N LYS A 631 45.08 -8.86 -2.71
CA LYS A 631 45.34 -7.54 -3.28
C LYS A 631 44.75 -7.38 -4.69
N THR A 632 44.35 -8.47 -5.32
CA THR A 632 43.68 -8.44 -6.61
C THR A 632 42.24 -8.91 -6.45
N PHE A 633 41.31 -8.22 -7.13
CA PHE A 633 39.92 -8.66 -7.19
C PHE A 633 39.85 -10.11 -7.63
N ASP A 634 38.95 -10.88 -7.01
CA ASP A 634 38.80 -12.31 -7.25
C ASP A 634 37.37 -12.55 -7.68
N GLU A 635 37.18 -12.96 -8.93
CA GLU A 635 35.84 -13.20 -9.44
C GLU A 635 35.10 -14.24 -8.61
N ASN A 636 35.82 -15.12 -7.90
CA ASN A 636 35.16 -16.21 -7.19
C ASN A 636 35.40 -16.19 -5.69
N GLY A 637 35.75 -15.04 -5.12
CA GLY A 637 35.79 -14.98 -3.67
C GLY A 637 36.34 -13.66 -3.18
N LEU A 638 36.41 -13.58 -1.86
CA LEU A 638 36.85 -12.37 -1.19
C LEU A 638 37.41 -12.74 0.17
N GLU A 639 38.51 -12.10 0.55
CA GLU A 639 39.00 -12.25 1.92
C GLU A 639 39.53 -10.89 2.39
N ILE A 640 38.99 -10.40 3.49
CA ILE A 640 39.42 -9.14 4.09
C ILE A 640 39.72 -9.38 5.57
N GLU A 641 40.37 -8.39 6.18
CA GLU A 641 40.71 -8.43 7.59
C GLU A 641 40.33 -7.07 8.17
N VAL A 642 39.49 -7.07 9.20
CA VAL A 642 39.11 -5.79 9.83
C VAL A 642 39.60 -5.86 11.26
N VAL A 644 38.81 -4.19 15.24
CA VAL A 644 37.95 -3.39 16.10
C VAL A 644 38.69 -3.23 17.42
N ASN A 645 39.06 -1.99 17.73
CA ASN A 645 39.93 -1.69 18.86
C ASN A 645 41.11 -2.66 18.88
N GLY A 646 41.68 -2.86 17.70
CA GLY A 646 42.90 -3.62 17.55
C GLY A 646 42.70 -5.12 17.50
N LYS A 648 41.55 -8.49 15.62
CA LYS A 648 41.41 -8.90 14.22
C LYS A 648 40.16 -9.73 13.99
N GLN A 649 39.49 -9.51 12.88
CA GLN A 649 38.38 -10.37 12.44
CA GLN A 649 38.39 -10.37 12.44
C GLN A 649 38.55 -10.59 10.94
N SER A 650 38.72 -11.84 10.53
CA SER A 650 38.74 -12.19 9.12
C SER A 650 37.31 -12.38 8.61
N LEU A 651 37.04 -11.87 7.41
CA LEU A 651 35.74 -12.02 6.77
C LEU A 651 36.02 -12.48 5.36
N TYR A 653 34.72 -15.33 1.85
CA TYR A 653 33.80 -16.32 1.27
C TYR A 653 34.39 -16.87 -0.02
N LYS A 654 33.94 -18.07 -0.38
CA LYS A 654 34.23 -18.67 -1.67
C LYS A 654 32.92 -18.81 -2.43
N LEU A 655 32.91 -18.34 -3.68
CA LEU A 655 31.72 -18.49 -4.51
C LEU A 655 31.88 -19.69 -5.43
#